data_7W7O
#
_entry.id   7W7O
#
_cell.length_a   50.126
_cell.length_b   63.980
_cell.length_c   99.754
_cell.angle_alpha   90.000
_cell.angle_beta   90.000
_cell.angle_gamma   90.000
#
_symmetry.space_group_name_H-M   'P 21 21 21'
#
loop_
_entity.id
_entity.type
_entity.pdbx_description
1 polymer 'Calpain-1 catalytic subunit'
2 non-polymer N-[(2S)-3-(4-fluorophenyl)-1-oxidanylidene-1-[[(2S,3S)-3-oxidanyl-4-oxidanylidene-1-[(3S)-2-oxidanylidenepiperidin-3-yl]-4-[(phenylmethyl)amino]butan-2-yl]amino]propan-2-yl]-1-benzofuran-2-carboxamide
3 non-polymer 'HYDROSULFURIC ACID'
4 non-polymer 'CALCIUM ION'
5 water water
#
_entity_poly.entity_id   1
_entity_poly.type   'polypeptide(L)'
_entity_poly.pdbx_seq_one_letter_code
;GLGRHENAIKYLGQDYEQLRVRCLQSGTLFRDEAFPPVPQSLGYKDLGPNSSKTYGIKWKRPTELLSNPQFIVDGATRTD
ICQGALGDCWLLAAIASLTLNDTLLHRVVPHGQSFQNGYAGIFHFQLWQFGEWVDVVVDDLLPIKDGKLVFVHSAEGNEF
WSALLEKAYAKVNGSYEALSGGSTSEGFEDFTGGVTEWYELRKAPSDLYQIILKALERGSLLGCSIDISSVLDMEAITFK
KLVKGHAYSVTGAKQVNYRGQVVSLIRMRNPWGEVEWTGAWSDSSSEWNNVDPYERDQLRVKMEDGEFWMSFRDFMREFT
RLEICNLTPDALKS
;
_entity_poly.pdbx_strand_id   A
#
# COMPACT_ATOMS: atom_id res chain seq x y z
N ASN A 7 -11.74 -13.39 -17.26
CA ASN A 7 -12.91 -12.97 -16.51
C ASN A 7 -12.87 -11.41 -16.44
N ALA A 8 -11.68 -10.83 -16.19
CA ALA A 8 -11.56 -9.37 -16.08
C ALA A 8 -11.83 -8.69 -17.42
N ILE A 9 -12.60 -7.59 -17.42
CA ILE A 9 -12.85 -6.86 -18.67
C ILE A 9 -11.67 -5.93 -18.96
N LYS A 10 -11.53 -5.51 -20.20
CA LYS A 10 -10.38 -4.71 -20.58
C LYS A 10 -10.67 -3.22 -20.44
N TYR A 11 -9.96 -2.54 -19.55
CA TYR A 11 -10.14 -1.13 -19.31
C TYR A 11 -9.78 -0.38 -20.57
N LEU A 12 -10.74 0.35 -21.08
CA LEU A 12 -10.67 1.13 -22.32
C LEU A 12 -10.38 0.27 -23.55
N GLY A 13 -10.72 -0.99 -23.53
CA GLY A 13 -10.43 -1.91 -24.57
C GLY A 13 -9.00 -2.28 -24.74
N GLN A 14 -8.09 -1.82 -23.89
CA GLN A 14 -6.69 -2.14 -24.13
C GLN A 14 -6.42 -3.59 -23.73
N ASP A 15 -5.81 -4.34 -24.65
CA ASP A 15 -5.57 -5.78 -24.53
C ASP A 15 -4.08 -5.96 -24.26
N TYR A 16 -3.75 -6.18 -22.97
CA TYR A 16 -2.36 -6.31 -22.56
C TYR A 16 -1.58 -7.24 -23.49
N GLU A 17 -2.07 -8.47 -23.70
CA GLU A 17 -1.21 -9.42 -24.41
C GLU A 17 -1.10 -9.08 -25.87
N GLN A 18 -2.15 -8.55 -26.47
CA GLN A 18 -2.07 -8.19 -27.89
C GLN A 18 -1.13 -7.01 -28.09
N LEU A 19 -1.20 -6.01 -27.20
CA LEU A 19 -0.30 -4.87 -27.25
C LEU A 19 1.15 -5.29 -27.04
N ARG A 20 1.39 -6.17 -26.06
CA ARG A 20 2.76 -6.63 -25.78
C ARG A 20 3.34 -7.37 -26.97
N VAL A 21 2.58 -8.31 -27.52
CA VAL A 21 3.02 -9.10 -28.66
C VAL A 21 3.31 -8.21 -29.87
N ARG A 22 2.43 -7.24 -30.13
CA ARG A 22 2.66 -6.31 -31.24
C ARG A 22 3.96 -5.53 -31.07
N CYS A 23 4.19 -5.02 -29.87
CA CYS A 23 5.37 -4.23 -29.62
C CYS A 23 6.63 -5.08 -29.76
N LEU A 24 6.59 -6.29 -29.22
CA LEU A 24 7.72 -7.20 -29.37
C LEU A 24 7.98 -7.49 -30.83
N GLN A 25 6.92 -7.60 -31.65
CA GLN A 25 7.13 -7.94 -33.05
C GLN A 25 7.68 -6.76 -33.83
N SER A 26 7.18 -5.56 -33.54
CA SER A 26 7.64 -4.34 -34.18
C SER A 26 8.91 -3.78 -33.55
N GLY A 27 9.45 -4.48 -32.54
CA GLY A 27 10.72 -4.12 -31.94
C GLY A 27 10.70 -2.83 -31.18
N THR A 28 9.56 -2.45 -30.63
CA THR A 28 9.36 -1.14 -30.03
C THR A 28 8.91 -1.30 -28.58
N LEU A 29 8.90 -0.19 -27.84
CA LEU A 29 8.35 -0.17 -26.49
C LEU A 29 6.98 0.49 -26.50
N PHE A 30 6.08 -0.07 -25.69
CA PHE A 30 4.71 0.41 -25.59
C PHE A 30 4.66 1.85 -25.11
N ARG A 31 3.84 2.65 -25.78
CA ARG A 31 3.54 4.00 -25.31
C ARG A 31 2.03 4.12 -25.16
N ASP A 32 1.60 4.37 -23.93
CA ASP A 32 0.18 4.39 -23.61
C ASP A 32 -0.51 5.65 -23.97
N GLU A 33 -1.32 5.56 -25.03
CA GLU A 33 -2.09 6.72 -25.50
C GLU A 33 -3.08 7.20 -24.44
N ALA A 34 -3.67 6.25 -23.71
CA ALA A 34 -4.62 6.59 -22.68
C ALA A 34 -4.10 7.32 -21.44
N PHE A 35 -2.83 7.16 -21.08
CA PHE A 35 -2.24 7.90 -19.97
C PHE A 35 -0.78 8.22 -20.27
N PRO A 36 -0.55 9.24 -21.09
CA PRO A 36 0.77 9.62 -21.53
C PRO A 36 1.67 10.28 -20.51
N PRO A 37 2.98 10.28 -20.75
CA PRO A 37 3.91 10.83 -19.76
C PRO A 37 4.00 12.35 -19.92
N VAL A 38 2.90 13.03 -19.58
CA VAL A 38 2.74 14.45 -19.84
C VAL A 38 2.28 15.13 -18.56
N PRO A 39 2.35 16.47 -18.46
CA PRO A 39 1.99 17.13 -17.20
C PRO A 39 0.60 16.79 -16.68
N GLN A 40 -0.40 16.64 -17.57
CA GLN A 40 -1.73 16.39 -17.04
C GLN A 40 -1.89 15.02 -16.39
N SER A 41 -0.98 14.09 -16.64
CA SER A 41 -1.03 12.82 -15.92
C SER A 41 -0.47 12.94 -14.51
N LEU A 42 0.40 13.93 -14.27
CA LEU A 42 0.83 14.24 -12.92
C LEU A 42 -0.31 14.91 -12.15
N GLY A 43 -0.89 15.94 -12.72
CA GLY A 43 -1.92 16.64 -12.00
C GLY A 43 -2.43 17.92 -12.65
N TYR A 44 -3.27 18.60 -11.91
CA TYR A 44 -3.95 19.77 -12.39
C TYR A 44 -3.65 21.02 -11.60
N LYS A 45 -3.36 20.89 -10.32
CA LYS A 45 -3.25 22.07 -9.47
C LYS A 45 -1.99 22.03 -8.63
N ASP A 46 -2.00 21.25 -7.57
CA ASP A 46 -0.83 21.17 -6.76
C ASP A 46 0.29 20.48 -7.53
N LEU A 47 -0.06 19.56 -8.42
CA LEU A 47 0.88 18.93 -9.33
C LEU A 47 0.64 19.35 -10.77
N GLY A 48 0.07 20.56 -10.97
CA GLY A 48 -0.28 21.03 -12.29
C GLY A 48 0.92 21.60 -13.02
N PRO A 49 0.68 21.99 -14.28
CA PRO A 49 1.79 22.45 -15.13
C PRO A 49 2.65 23.55 -14.54
N ASN A 50 2.09 24.49 -13.80
CA ASN A 50 2.88 25.61 -13.29
C ASN A 50 3.13 25.52 -11.79
N SER A 51 3.15 24.30 -11.25
CA SER A 51 3.36 24.07 -9.83
C SER A 51 4.84 23.89 -9.54
N SER A 52 5.34 24.61 -8.54
CA SER A 52 6.70 24.40 -8.09
C SER A 52 6.93 22.94 -7.71
N LYS A 53 5.89 22.22 -7.29
CA LYS A 53 6.11 20.83 -6.87
C LYS A 53 6.43 19.89 -8.02
N THR A 54 6.26 20.31 -9.27
CA THR A 54 6.66 19.44 -10.37
C THR A 54 8.08 19.76 -10.84
N TYR A 55 8.74 20.68 -10.16
CA TYR A 55 10.09 21.08 -10.51
C TYR A 55 10.96 19.85 -10.63
N GLY A 56 11.60 19.68 -11.79
CA GLY A 56 12.57 18.63 -11.92
C GLY A 56 12.02 17.25 -12.22
N ILE A 57 10.71 17.09 -12.37
CA ILE A 57 10.16 15.77 -12.58
C ILE A 57 10.29 15.41 -14.06
N LYS A 58 10.79 14.21 -14.34
CA LYS A 58 10.90 13.66 -15.68
C LYS A 58 10.21 12.30 -15.68
N TRP A 59 10.01 11.74 -16.87
CA TRP A 59 9.40 10.43 -16.99
C TRP A 59 10.42 9.47 -17.58
N LYS A 60 10.72 8.38 -16.86
CA LYS A 60 11.72 7.40 -17.28
C LYS A 60 11.20 6.00 -17.02
N ARG A 61 11.52 5.07 -17.97
CA ARG A 61 11.25 3.66 -17.72
C ARG A 61 12.32 3.11 -16.78
N PRO A 62 12.02 2.07 -16.03
CA PRO A 62 13.07 1.47 -15.15
C PRO A 62 14.27 0.97 -15.94
N THR A 63 14.09 0.56 -17.21
CA THR A 63 15.19 0.13 -18.06
C THR A 63 16.02 1.28 -18.58
N GLU A 64 15.53 2.51 -18.43
CA GLU A 64 16.32 3.70 -18.70
C GLU A 64 17.04 4.23 -17.47
N LEU A 65 16.78 3.63 -16.31
N LEU A 65 16.77 3.61 -16.31
CA LEU A 65 17.27 4.10 -15.01
CA LEU A 65 17.20 4.07 -14.99
C LEU A 65 18.40 3.25 -14.45
C LEU A 65 18.29 3.22 -14.36
N LEU A 66 18.25 1.92 -14.46
N LEU A 66 18.20 1.89 -14.45
CA LEU A 66 19.12 0.98 -13.76
CA LEU A 66 19.13 0.98 -13.79
C LEU A 66 19.43 -0.20 -14.68
C LEU A 66 19.46 -0.17 -14.71
N SER A 67 20.54 -0.89 -14.39
CA SER A 67 20.96 -2.00 -15.25
C SER A 67 20.00 -3.20 -15.21
N ASN A 68 19.51 -3.60 -14.05
CA ASN A 68 18.72 -4.82 -13.93
C ASN A 68 17.46 -4.54 -13.15
N PRO A 69 16.54 -3.77 -13.71
CA PRO A 69 15.30 -3.52 -12.98
C PRO A 69 14.49 -4.81 -12.85
N GLN A 70 13.80 -4.95 -11.74
CA GLN A 70 12.98 -6.13 -11.48
C GLN A 70 11.54 -5.74 -11.23
N PHE A 71 10.61 -6.60 -11.66
CA PHE A 71 9.21 -6.36 -11.34
C PHE A 71 8.96 -6.69 -9.88
N ILE A 72 9.34 -7.91 -9.48
CA ILE A 72 9.20 -8.37 -8.12
C ILE A 72 10.53 -8.97 -7.65
N VAL A 73 10.94 -8.55 -6.45
CA VAL A 73 12.16 -9.02 -5.75
C VAL A 73 11.76 -9.54 -4.37
N ASP A 74 12.11 -10.81 -4.08
CA ASP A 74 11.81 -11.40 -2.76
C ASP A 74 10.31 -11.30 -2.42
N GLY A 75 9.48 -11.51 -3.42
CA GLY A 75 8.07 -11.45 -3.19
C GLY A 75 7.53 -10.04 -3.31
N ALA A 76 6.24 -9.97 -3.57
CA ALA A 76 5.52 -8.70 -3.51
C ALA A 76 5.00 -8.60 -2.09
N THR A 77 5.65 -7.81 -1.24
CA THR A 77 5.32 -7.75 0.18
C THR A 77 5.17 -6.31 0.63
N ARG A 78 4.70 -6.16 1.87
CA ARG A 78 4.35 -4.83 2.33
C ARG A 78 5.56 -3.93 2.52
N THR A 79 6.77 -4.50 2.60
CA THR A 79 7.94 -3.62 2.73
C THR A 79 8.27 -2.93 1.41
N ASP A 80 7.59 -3.32 0.33
CA ASP A 80 7.76 -2.76 -1.00
C ASP A 80 6.91 -1.51 -1.19
N ILE A 81 6.20 -1.09 -0.16
CA ILE A 81 5.30 0.04 -0.24
CA ILE A 81 5.32 0.07 -0.27
C ILE A 81 5.84 1.19 0.62
N CYS A 82 6.61 2.10 0.05
CA CYS A 82 7.21 3.23 0.77
C CYS A 82 6.73 4.50 0.09
N GLN A 83 5.93 5.27 0.82
CA GLN A 83 5.28 6.43 0.22
C GLN A 83 6.26 7.48 -0.31
N GLY A 84 5.88 8.11 -1.42
CA GLY A 84 6.59 9.21 -1.99
C GLY A 84 5.87 10.54 -1.76
N ALA A 85 6.11 11.48 -2.65
CA ALA A 85 5.58 12.84 -2.54
C ALA A 85 4.19 13.00 -3.10
N LEU A 86 3.27 12.29 -2.51
CA LEU A 86 1.91 12.33 -2.91
C LEU A 86 1.08 11.91 -1.73
N GLY A 87 -0.04 12.55 -1.51
CA GLY A 87 -0.84 12.19 -0.38
C GLY A 87 -1.79 11.02 -0.53
N ASP A 88 -1.27 9.89 -0.97
CA ASP A 88 -2.07 8.72 -1.17
C ASP A 88 -1.80 7.66 -0.13
N CYS A 89 -1.55 8.08 1.09
CA CYS A 89 -1.34 7.14 2.15
C CYS A 89 -2.48 6.07 2.26
N TRP A 90 -3.70 6.49 2.00
CA TRP A 90 -4.85 5.59 2.11
C TRP A 90 -4.72 4.45 1.10
N LEU A 91 -4.27 4.80 -0.09
CA LEU A 91 -4.12 3.80 -1.15
C LEU A 91 -2.95 2.86 -0.84
N LEU A 92 -1.85 3.44 -0.36
CA LEU A 92 -0.65 2.64 -0.10
C LEU A 92 -0.89 1.72 1.08
N ALA A 93 -1.65 2.18 2.09
CA ALA A 93 -2.00 1.28 3.19
C ALA A 93 -2.82 0.11 2.68
N ALA A 94 -3.72 0.39 1.73
CA ALA A 94 -4.52 -0.68 1.16
C ALA A 94 -3.64 -1.67 0.38
N ILE A 95 -2.66 -1.17 -0.40
CA ILE A 95 -1.76 -2.08 -1.11
C ILE A 95 -0.97 -2.93 -0.10
N ALA A 96 -0.42 -2.29 0.93
CA ALA A 96 0.32 -3.09 1.92
C ALA A 96 -0.57 -4.17 2.57
N SER A 97 -1.85 -3.85 2.92
CA SER A 97 -2.73 -4.86 3.50
C SER A 97 -3.02 -5.96 2.48
N LEU A 98 -3.20 -5.57 1.21
CA LEU A 98 -3.48 -6.54 0.14
C LEU A 98 -2.41 -7.61 0.08
N THR A 99 -1.15 -7.21 0.32
CA THR A 99 -0.07 -8.20 0.19
C THR A 99 -0.19 -9.35 1.17
N LEU A 100 -1.00 -9.19 2.21
CA LEU A 100 -1.18 -10.30 3.17
C LEU A 100 -2.20 -11.34 2.74
N ASN A 101 -2.93 -11.10 1.65
CA ASN A 101 -3.94 -12.03 1.14
C ASN A 101 -3.37 -12.56 -0.18
N ASP A 102 -2.81 -13.75 -0.15
CA ASP A 102 -2.00 -14.18 -1.27
C ASP A 102 -2.83 -14.37 -2.54
N THR A 103 -4.08 -14.85 -2.41
CA THR A 103 -4.90 -15.02 -3.61
C THR A 103 -5.26 -13.68 -4.25
N LEU A 104 -5.75 -12.73 -3.44
CA LEU A 104 -6.08 -11.43 -4.06
C LEU A 104 -4.84 -10.70 -4.56
N LEU A 105 -3.73 -10.75 -3.80
CA LEU A 105 -2.48 -10.16 -4.29
C LEU A 105 -2.13 -10.66 -5.68
N HIS A 106 -2.30 -11.97 -5.92
CA HIS A 106 -1.90 -12.52 -7.21
C HIS A 106 -2.91 -12.22 -8.30
N ARG A 107 -4.11 -11.81 -7.93
CA ARG A 107 -5.04 -11.30 -8.95
C ARG A 107 -4.71 -9.86 -9.31
N VAL A 108 -4.59 -9.00 -8.31
CA VAL A 108 -4.34 -7.59 -8.57
C VAL A 108 -2.99 -7.39 -9.27
N VAL A 109 -1.95 -8.11 -8.82
CA VAL A 109 -0.58 -8.01 -9.33
C VAL A 109 -0.26 -9.29 -10.09
N PRO A 110 -0.43 -9.32 -11.41
CA PRO A 110 -0.10 -10.54 -12.18
C PRO A 110 1.39 -10.81 -12.11
N HIS A 111 1.75 -11.96 -11.53
CA HIS A 111 3.16 -12.15 -11.19
C HIS A 111 4.08 -12.56 -12.34
N GLY A 112 3.51 -13.01 -13.44
N GLY A 112 3.58 -12.93 -13.51
CA GLY A 112 4.34 -13.30 -14.60
CA GLY A 112 4.59 -13.37 -14.51
C GLY A 112 4.64 -12.08 -15.46
C GLY A 112 5.48 -12.29 -15.11
N GLN A 113 5.19 -11.02 -14.85
CA GLN A 113 5.69 -9.90 -15.64
C GLN A 113 7.15 -9.60 -15.33
N SER A 114 7.87 -9.13 -16.34
CA SER A 114 9.34 -9.09 -16.25
C SER A 114 9.87 -7.90 -17.05
N PHE A 115 11.08 -7.48 -16.72
CA PHE A 115 11.74 -6.45 -17.50
C PHE A 115 12.75 -7.10 -18.48
N GLN A 116 12.85 -8.41 -18.42
CA GLN A 116 13.76 -9.16 -19.25
C GLN A 116 12.94 -9.95 -20.28
N ASN A 117 12.79 -11.24 -20.10
CA ASN A 117 12.12 -12.02 -21.12
C ASN A 117 10.70 -11.56 -21.31
N GLY A 118 10.33 -11.28 -22.55
CA GLY A 118 8.99 -10.85 -22.89
C GLY A 118 8.76 -9.35 -22.81
N TYR A 119 9.76 -8.58 -22.41
CA TYR A 119 9.56 -7.16 -22.20
C TYR A 119 9.35 -6.26 -23.37
N ALA A 120 8.27 -5.50 -23.33
CA ALA A 120 7.94 -4.53 -24.33
C ALA A 120 7.50 -3.19 -23.78
N GLY A 121 7.82 -2.93 -22.53
CA GLY A 121 7.46 -1.68 -21.92
C GLY A 121 6.02 -1.50 -21.51
N ILE A 122 5.34 -2.61 -21.28
CA ILE A 122 3.92 -2.60 -20.91
C ILE A 122 3.69 -3.57 -19.76
N PHE A 123 2.88 -3.14 -18.80
CA PHE A 123 2.52 -3.95 -17.66
C PHE A 123 1.02 -3.83 -17.46
N HIS A 124 0.46 -4.76 -16.69
CA HIS A 124 -0.97 -4.72 -16.40
C HIS A 124 -1.26 -5.15 -14.97
N PHE A 125 -2.43 -4.71 -14.50
CA PHE A 125 -2.93 -4.97 -13.15
C PHE A 125 -4.44 -5.16 -13.21
N GLN A 126 -4.96 -5.88 -12.23
CA GLN A 126 -6.42 -6.00 -12.10
C GLN A 126 -6.90 -5.15 -10.94
N LEU A 127 -7.98 -4.39 -11.18
CA LEU A 127 -8.61 -3.52 -10.18
C LEU A 127 -10.10 -3.80 -10.15
N TRP A 128 -10.71 -3.71 -8.97
CA TRP A 128 -12.15 -3.77 -8.85
C TRP A 128 -12.68 -2.35 -9.01
N GLN A 129 -13.49 -2.14 -10.05
CA GLN A 129 -13.94 -0.81 -10.45
C GLN A 129 -15.41 -0.91 -10.76
N PHE A 130 -16.23 -0.13 -10.05
CA PHE A 130 -17.68 -0.03 -10.33
C PHE A 130 -18.35 -1.41 -10.42
N GLY A 131 -17.98 -2.30 -9.50
CA GLY A 131 -18.68 -3.58 -9.42
C GLY A 131 -18.12 -4.70 -10.28
N GLU A 132 -16.95 -4.50 -10.91
CA GLU A 132 -16.40 -5.56 -11.74
C GLU A 132 -14.88 -5.47 -11.72
N TRP A 133 -14.22 -6.60 -12.00
CA TRP A 133 -12.78 -6.59 -12.17
C TRP A 133 -12.44 -6.09 -13.57
N VAL A 134 -11.46 -5.21 -13.65
CA VAL A 134 -10.99 -4.68 -14.92
C VAL A 134 -9.48 -4.83 -14.97
N ASP A 135 -8.99 -5.11 -16.17
CA ASP A 135 -7.58 -5.22 -16.44
C ASP A 135 -7.08 -3.90 -17.01
N VAL A 136 -6.15 -3.27 -16.31
CA VAL A 136 -5.64 -1.94 -16.65
C VAL A 136 -4.20 -2.09 -17.12
N VAL A 137 -3.89 -1.59 -18.34
CA VAL A 137 -2.49 -1.58 -18.77
C VAL A 137 -1.86 -0.22 -18.44
N VAL A 138 -0.53 -0.23 -18.28
CA VAL A 138 0.25 1.00 -18.24
C VAL A 138 1.52 0.76 -19.03
N ASP A 139 2.06 1.83 -19.64
CA ASP A 139 3.48 1.72 -20.00
C ASP A 139 4.32 1.98 -18.75
N ASP A 140 5.60 1.66 -18.82
CA ASP A 140 6.39 1.75 -17.60
C ASP A 140 7.13 3.07 -17.44
N LEU A 141 6.74 4.11 -18.16
CA LEU A 141 7.31 5.42 -17.87
C LEU A 141 6.83 5.86 -16.48
N LEU A 142 7.76 6.24 -15.59
CA LEU A 142 7.42 6.58 -14.23
C LEU A 142 8.00 7.95 -13.89
N PRO A 143 7.33 8.71 -13.02
CA PRO A 143 7.89 10.02 -12.61
C PRO A 143 9.14 9.85 -11.73
N ILE A 144 10.19 10.56 -12.12
CA ILE A 144 11.50 10.51 -11.49
CA ILE A 144 11.51 10.51 -11.50
C ILE A 144 11.98 11.94 -11.22
N LYS A 145 12.67 12.13 -10.10
CA LYS A 145 13.34 13.40 -9.82
C LYS A 145 14.69 13.05 -9.18
N ASP A 146 15.77 13.71 -9.63
CA ASP A 146 17.13 13.42 -9.09
C ASP A 146 17.43 11.91 -9.15
N GLY A 147 16.96 11.26 -10.22
CA GLY A 147 17.25 9.87 -10.47
C GLY A 147 16.47 8.86 -9.66
N LYS A 148 15.48 9.28 -8.90
CA LYS A 148 14.76 8.38 -8.01
C LYS A 148 13.29 8.53 -8.29
N LEU A 149 12.52 7.47 -8.03
CA LEU A 149 11.07 7.58 -8.09
C LEU A 149 10.58 8.72 -7.20
N VAL A 150 9.63 9.50 -7.72
CA VAL A 150 9.00 10.63 -7.03
C VAL A 150 7.94 10.11 -6.07
N PHE A 151 7.14 9.13 -6.55
CA PHE A 151 6.00 8.67 -5.78
C PHE A 151 6.30 7.35 -5.06
N VAL A 152 5.40 6.37 -5.08
CA VAL A 152 5.71 5.18 -4.27
C VAL A 152 6.94 4.44 -4.79
N HIS A 153 7.70 3.84 -3.88
CA HIS A 153 8.88 3.08 -4.27
C HIS A 153 9.04 1.95 -3.28
N SER A 154 9.85 0.96 -3.62
CA SER A 154 10.08 -0.17 -2.73
C SER A 154 11.28 0.15 -1.88
N ALA A 155 11.38 -0.53 -0.75
CA ALA A 155 12.64 -0.45 -0.02
C ALA A 155 13.77 -1.00 -0.83
N GLU A 156 13.48 -1.95 -1.71
CA GLU A 156 14.46 -2.42 -2.69
C GLU A 156 14.40 -1.48 -3.87
N GLY A 157 15.49 -0.73 -4.08
CA GLY A 157 15.51 0.29 -5.13
C GLY A 157 15.36 -0.25 -6.53
N ASN A 158 15.58 -1.53 -6.76
CA ASN A 158 15.43 -2.01 -8.13
C ASN A 158 14.12 -2.80 -8.34
N GLU A 159 13.13 -2.58 -7.49
CA GLU A 159 11.86 -3.31 -7.58
C GLU A 159 10.76 -2.33 -7.99
N PHE A 160 9.94 -2.69 -9.01
CA PHE A 160 9.01 -1.69 -9.56
C PHE A 160 7.53 -2.05 -9.53
N TRP A 161 7.12 -3.25 -9.04
CA TRP A 161 5.69 -3.60 -9.15
C TRP A 161 4.79 -2.59 -8.43
N SER A 162 5.21 -2.07 -7.27
CA SER A 162 4.28 -1.19 -6.56
C SER A 162 4.22 0.19 -7.21
N ALA A 163 5.34 0.67 -7.77
CA ALA A 163 5.33 1.95 -8.52
C ALA A 163 4.39 1.84 -9.70
N LEU A 164 4.41 0.67 -10.35
CA LEU A 164 3.54 0.50 -11.51
C LEU A 164 2.08 0.30 -11.13
N LEU A 165 1.81 -0.38 -10.00
CA LEU A 165 0.44 -0.52 -9.53
C LEU A 165 -0.13 0.85 -9.16
N GLU A 166 0.68 1.68 -8.47
CA GLU A 166 0.21 3.03 -8.17
C GLU A 166 -0.07 3.81 -9.44
N LYS A 167 0.76 3.63 -10.47
CA LYS A 167 0.53 4.33 -11.73
C LYS A 167 -0.79 3.88 -12.34
N ALA A 168 -1.07 2.57 -12.30
CA ALA A 168 -2.35 2.09 -12.85
C ALA A 168 -3.53 2.70 -12.11
N TYR A 169 -3.41 2.87 -10.79
CA TYR A 169 -4.51 3.43 -10.02
C TYR A 169 -4.65 4.92 -10.31
N ALA A 170 -3.52 5.61 -10.51
CA ALA A 170 -3.59 6.99 -11.02
C ALA A 170 -4.29 7.04 -12.36
N LYS A 171 -3.96 6.08 -13.24
CA LYS A 171 -4.54 6.11 -14.57
C LYS A 171 -6.06 6.07 -14.52
N VAL A 172 -6.62 5.13 -13.74
CA VAL A 172 -8.09 5.06 -13.71
C VAL A 172 -8.72 6.30 -13.06
N ASN A 173 -7.94 7.06 -12.28
CA ASN A 173 -8.40 8.32 -11.70
C ASN A 173 -8.02 9.55 -12.53
N GLY A 174 -7.26 9.40 -13.61
CA GLY A 174 -6.98 10.51 -14.48
C GLY A 174 -5.68 11.23 -14.21
N SER A 175 -5.10 11.06 -13.03
CA SER A 175 -3.87 11.77 -12.67
C SER A 175 -3.37 11.24 -11.32
N TYR A 176 -2.09 11.48 -11.07
CA TYR A 176 -1.57 11.22 -9.73
C TYR A 176 -2.23 12.12 -8.69
N GLU A 177 -2.37 13.40 -8.98
CA GLU A 177 -2.89 14.33 -7.96
C GLU A 177 -4.30 13.95 -7.52
N ALA A 178 -5.10 13.34 -8.41
CA ALA A 178 -6.43 12.84 -8.01
C ALA A 178 -6.35 11.84 -6.85
N LEU A 179 -5.19 11.29 -6.55
CA LEU A 179 -5.04 10.35 -5.45
C LEU A 179 -4.73 11.04 -4.14
N SER A 180 -4.58 12.35 -4.14
CA SER A 180 -4.09 13.07 -2.97
C SER A 180 -5.26 13.30 -2.02
N GLY A 181 -5.21 12.65 -0.85
CA GLY A 181 -6.28 12.74 0.12
C GLY A 181 -7.40 11.75 -0.15
N GLY A 182 -7.60 10.77 0.74
CA GLY A 182 -8.62 9.78 0.41
C GLY A 182 -8.91 8.88 1.60
N SER A 183 -9.79 7.89 1.35
CA SER A 183 -10.28 6.96 2.36
C SER A 183 -9.68 5.58 2.12
N THR A 184 -9.08 4.97 3.16
CA THR A 184 -8.46 3.65 2.95
C THR A 184 -9.50 2.63 2.43
N SER A 185 -10.73 2.79 2.85
CA SER A 185 -11.76 1.83 2.44
C SER A 185 -11.91 1.78 0.93
N GLU A 186 -11.79 2.92 0.25
CA GLU A 186 -11.83 2.89 -1.21
C GLU A 186 -10.73 1.98 -1.77
N GLY A 187 -9.50 2.11 -1.24
CA GLY A 187 -8.42 1.27 -1.74
C GLY A 187 -8.65 -0.19 -1.42
N PHE A 188 -8.99 -0.48 -0.15
CA PHE A 188 -9.35 -1.86 0.21
C PHE A 188 -10.34 -2.46 -0.76
N GLU A 189 -11.44 -1.76 -1.02
CA GLU A 189 -12.51 -2.32 -1.86
C GLU A 189 -12.05 -2.47 -3.31
N ASP A 190 -11.27 -1.51 -3.80
CA ASP A 190 -10.86 -1.61 -5.20
C ASP A 190 -9.81 -2.68 -5.41
N PHE A 191 -9.28 -3.24 -4.34
CA PHE A 191 -8.35 -4.32 -4.51
C PHE A 191 -9.00 -5.67 -4.26
N THR A 192 -10.15 -5.69 -3.60
CA THR A 192 -10.79 -6.95 -3.27
C THR A 192 -12.22 -7.27 -3.72
N GLY A 193 -12.98 -6.25 -4.03
CA GLY A 193 -14.35 -6.49 -4.31
C GLY A 193 -15.10 -6.71 -3.00
N GLY A 194 -14.46 -6.46 -1.85
CA GLY A 194 -15.10 -6.63 -0.56
C GLY A 194 -15.84 -5.37 -0.16
N VAL A 195 -16.31 -5.37 1.07
CA VAL A 195 -17.04 -4.23 1.63
C VAL A 195 -16.51 -3.91 3.02
N THR A 196 -16.34 -2.62 3.28
CA THR A 196 -15.72 -2.15 4.51
C THR A 196 -16.73 -1.91 5.62
N GLU A 197 -16.41 -2.40 6.81
CA GLU A 197 -17.05 -1.99 8.05
CA GLU A 197 -17.04 -2.01 8.08
C GLU A 197 -16.12 -1.07 8.84
N TRP A 198 -16.69 -0.03 9.42
CA TRP A 198 -15.95 1.00 10.13
C TRP A 198 -16.25 0.88 11.62
N TYR A 199 -15.22 1.04 12.45
CA TYR A 199 -15.34 0.97 13.90
C TYR A 199 -14.75 2.21 14.52
N GLU A 200 -15.52 2.84 15.40
CA GLU A 200 -15.05 3.93 16.25
C GLU A 200 -14.49 3.29 17.51
N LEU A 201 -13.17 3.41 17.71
CA LEU A 201 -12.56 2.62 18.78
C LEU A 201 -13.02 3.04 20.18
N ARG A 202 -13.58 4.26 20.36
CA ARG A 202 -14.15 4.66 21.64
CA ARG A 202 -14.14 4.61 21.66
C ARG A 202 -15.46 3.91 21.93
N LYS A 203 -16.11 3.40 20.91
CA LYS A 203 -17.40 2.73 21.05
C LYS A 203 -17.36 1.39 20.37
N ALA A 204 -16.36 0.64 20.68
CA ALA A 204 -15.98 -0.64 20.08
C ALA A 204 -16.66 -1.77 20.83
N PRO A 205 -17.00 -2.88 20.17
CA PRO A 205 -17.55 -4.02 20.93
C PRO A 205 -16.48 -4.67 21.78
N SER A 206 -16.92 -5.39 22.82
CA SER A 206 -15.98 -6.02 23.75
C SER A 206 -15.18 -7.13 23.11
N ASP A 207 -15.64 -7.70 22.01
CA ASP A 207 -14.86 -8.73 21.35
C ASP A 207 -14.07 -8.18 20.16
N LEU A 208 -13.76 -6.88 20.12
CA LEU A 208 -13.10 -6.33 18.93
C LEU A 208 -11.79 -7.06 18.64
N TYR A 209 -11.00 -7.37 19.68
CA TYR A 209 -9.73 -8.02 19.40
C TYR A 209 -9.92 -9.37 18.70
N GLN A 210 -10.95 -10.12 19.10
CA GLN A 210 -11.26 -11.39 18.44
C GLN A 210 -11.73 -11.16 17.02
N ILE A 211 -12.54 -10.11 16.81
CA ILE A 211 -12.91 -9.72 15.45
C ILE A 211 -11.70 -9.47 14.57
N ILE A 212 -10.69 -8.76 15.10
CA ILE A 212 -9.48 -8.45 14.33
C ILE A 212 -8.73 -9.74 14.02
N LEU A 213 -8.56 -10.61 15.03
CA LEU A 213 -7.83 -11.86 14.83
C LEU A 213 -8.47 -12.67 13.70
N LYS A 214 -9.79 -12.81 13.75
CA LYS A 214 -10.47 -13.64 12.75
C LYS A 214 -10.40 -12.98 11.39
N ALA A 215 -10.49 -11.65 11.37
CA ALA A 215 -10.42 -10.97 10.07
C ALA A 215 -9.03 -11.12 9.43
N LEU A 216 -7.96 -10.95 10.21
CA LEU A 216 -6.62 -11.16 9.66
C LEU A 216 -6.45 -12.60 9.17
N GLU A 217 -6.90 -13.57 9.96
CA GLU A 217 -6.79 -14.97 9.60
C GLU A 217 -7.46 -15.26 8.27
N ARG A 218 -8.60 -14.63 7.98
CA ARG A 218 -9.29 -14.97 6.75
C ARG A 218 -8.82 -14.14 5.56
N GLY A 219 -7.89 -13.20 5.76
CA GLY A 219 -7.35 -12.41 4.66
C GLY A 219 -8.11 -11.15 4.36
N SER A 220 -8.98 -10.72 5.26
CA SER A 220 -9.58 -9.40 5.12
C SER A 220 -8.47 -8.35 5.18
N LEU A 221 -8.82 -7.14 4.80
CA LEU A 221 -7.82 -6.05 4.82
C LEU A 221 -8.21 -5.08 5.91
N LEU A 222 -7.26 -4.65 6.72
CA LEU A 222 -7.54 -3.84 7.90
C LEU A 222 -6.66 -2.60 7.91
N GLY A 223 -7.24 -1.49 8.37
CA GLY A 223 -6.49 -0.25 8.48
C GLY A 223 -6.96 0.52 9.69
N CYS A 224 -6.15 1.49 10.09
CA CYS A 224 -6.54 2.27 11.26
C CYS A 224 -5.98 3.69 11.12
N SER A 225 -6.55 4.58 11.93
CA SER A 225 -6.09 5.98 11.88
C SER A 225 -6.44 6.72 13.17
N ILE A 226 -5.79 7.90 13.31
CA ILE A 226 -5.98 8.81 14.42
C ILE A 226 -6.67 10.06 13.91
N ASP A 227 -7.80 10.40 14.54
CA ASP A 227 -8.54 11.60 14.16
C ASP A 227 -7.70 12.86 14.33
N ILE A 228 -8.01 13.86 13.49
CA ILE A 228 -7.44 15.19 13.62
C ILE A 228 -8.43 16.07 14.38
N SER A 229 -7.92 17.03 15.14
CA SER A 229 -8.77 18.01 15.79
C SER A 229 -9.06 19.22 14.89
N SER A 230 -8.15 19.51 13.99
CA SER A 230 -8.23 20.69 13.15
C SER A 230 -7.33 20.43 11.97
N VAL A 231 -7.36 21.34 10.99
CA VAL A 231 -6.52 21.15 9.83
C VAL A 231 -5.05 21.21 10.22
N LEU A 232 -4.68 22.03 11.21
CA LEU A 232 -3.26 22.12 11.58
C LEU A 232 -2.74 20.81 12.14
N ASP A 233 -3.65 19.92 12.59
CA ASP A 233 -3.33 18.59 13.07
C ASP A 233 -3.01 17.60 11.98
N MET A 234 -3.27 17.94 10.73
CA MET A 234 -3.05 17.01 9.65
C MET A 234 -1.60 16.69 9.51
N GLU A 235 -1.32 15.39 9.54
CA GLU A 235 0.01 14.78 9.45
C GLU A 235 0.93 15.11 10.63
N ALA A 236 0.37 15.50 11.75
CA ALA A 236 1.16 15.84 12.87
C ALA A 236 1.72 14.58 13.44
N ILE A 237 2.94 14.68 13.91
CA ILE A 237 3.62 13.52 14.50
C ILE A 237 3.54 13.68 16.02
N THR A 238 2.99 12.68 16.71
CA THR A 238 2.83 12.78 18.16
C THR A 238 4.17 12.57 18.83
N PHE A 239 4.16 12.77 20.15
CA PHE A 239 5.38 12.62 20.93
C PHE A 239 5.94 11.21 20.82
N LYS A 240 5.06 10.22 20.73
CA LYS A 240 5.46 8.82 20.61
C LYS A 240 5.53 8.35 19.16
N LYS A 241 5.52 9.31 18.21
CA LYS A 241 5.83 9.08 16.79
C LYS A 241 4.78 8.25 16.09
N LEU A 242 3.50 8.46 16.48
CA LEU A 242 2.37 8.13 15.63
C LEU A 242 2.02 9.37 14.77
N VAL A 243 1.36 9.11 13.63
CA VAL A 243 1.06 10.20 12.69
C VAL A 243 -0.47 10.38 12.65
N LYS A 244 -0.93 11.60 12.83
CA LYS A 244 -2.38 11.84 12.85
C LYS A 244 -2.89 12.06 11.43
N GLY A 245 -4.17 11.74 11.21
CA GLY A 245 -4.78 11.94 9.90
C GLY A 245 -4.15 11.12 8.80
N HIS A 246 -3.62 9.95 9.13
CA HIS A 246 -2.73 9.17 8.30
C HIS A 246 -3.15 7.70 8.32
N ALA A 247 -3.22 7.07 7.17
CA ALA A 247 -3.68 5.69 7.10
C ALA A 247 -2.59 4.72 7.43
N TYR A 248 -2.85 3.83 8.41
CA TYR A 248 -1.95 2.73 8.72
C TYR A 248 -2.59 1.43 8.27
N SER A 249 -1.75 0.44 7.89
CA SER A 249 -2.22 -0.93 7.67
C SER A 249 -2.18 -1.67 8.99
N VAL A 250 -3.18 -2.48 9.31
CA VAL A 250 -3.10 -3.42 10.45
C VAL A 250 -2.66 -4.74 9.84
N THR A 251 -1.49 -5.20 10.22
CA THR A 251 -0.89 -6.33 9.58
C THR A 251 -0.71 -7.59 10.43
N GLY A 252 -1.07 -7.53 11.70
CA GLY A 252 -0.91 -8.68 12.55
C GLY A 252 -1.53 -8.51 13.92
N ALA A 253 -1.64 -9.63 14.62
CA ALA A 253 -2.21 -9.67 15.95
C ALA A 253 -1.85 -10.98 16.58
N LYS A 254 -1.39 -10.93 17.83
CA LYS A 254 -0.99 -12.11 18.52
C LYS A 254 -1.04 -11.87 20.00
N GLN A 255 -1.45 -12.88 20.75
CA GLN A 255 -1.43 -12.84 22.23
C GLN A 255 -0.13 -13.47 22.70
N VAL A 256 0.50 -12.84 23.71
CA VAL A 256 1.69 -13.41 24.32
C VAL A 256 1.53 -13.50 25.83
N ASN A 257 2.30 -14.40 26.42
CA ASN A 257 2.36 -14.47 27.88
C ASN A 257 3.33 -13.42 28.36
N TYR A 258 2.90 -12.60 29.33
CA TYR A 258 3.73 -11.48 29.73
C TYR A 258 3.42 -11.15 31.19
N ARG A 259 4.45 -11.21 32.04
CA ARG A 259 4.29 -10.87 33.47
C ARG A 259 3.08 -11.57 34.09
N GLY A 260 2.91 -12.86 33.78
CA GLY A 260 1.90 -13.66 34.43
C GLY A 260 0.52 -13.51 33.83
N GLN A 261 0.39 -12.71 32.78
CA GLN A 261 -0.88 -12.50 32.11
C GLN A 261 -0.74 -12.86 30.64
N VAL A 262 -1.87 -12.89 29.97
CA VAL A 262 -1.89 -12.97 28.51
C VAL A 262 -2.15 -11.57 27.99
N VAL A 263 -1.26 -11.06 27.12
CA VAL A 263 -1.37 -9.70 26.61
C VAL A 263 -1.67 -9.78 25.12
N SER A 264 -2.69 -9.07 24.68
CA SER A 264 -3.05 -9.02 23.28
C SER A 264 -2.26 -7.92 22.61
N LEU A 265 -1.54 -8.28 21.54
CA LEU A 265 -0.73 -7.33 20.77
C LEU A 265 -1.31 -7.16 19.37
N ILE A 266 -1.07 -6.01 18.80
CA ILE A 266 -1.49 -5.73 17.43
C ILE A 266 -0.32 -5.09 16.68
N ARG A 267 -0.19 -5.42 15.38
CA ARG A 267 0.95 -4.96 14.58
C ARG A 267 0.41 -4.07 13.47
N MET A 268 1.06 -2.95 13.25
CA MET A 268 0.59 -2.11 12.16
C MET A 268 1.80 -1.54 11.42
N ARG A 269 1.51 -0.98 10.25
CA ARG A 269 2.57 -0.49 9.39
C ARG A 269 2.23 0.88 8.82
N ASN A 270 3.09 1.85 9.11
CA ASN A 270 3.04 3.16 8.50
C ASN A 270 3.49 3.05 7.05
N PRO A 271 2.67 3.46 6.07
CA PRO A 271 3.09 3.29 4.66
C PRO A 271 4.22 4.23 4.25
N TRP A 272 4.66 5.16 5.11
CA TRP A 272 5.95 5.83 4.90
C TRP A 272 7.11 4.84 4.82
N GLY A 273 6.99 3.68 5.50
CA GLY A 273 8.13 2.80 5.59
C GLY A 273 9.13 3.21 6.62
N GLU A 274 8.77 4.17 7.40
CA GLU A 274 9.57 4.71 8.48
C GLU A 274 8.66 5.49 9.40
N VAL A 275 9.18 5.87 10.56
CA VAL A 275 8.51 6.61 11.63
C VAL A 275 7.55 5.69 12.37
N GLU A 276 7.99 5.24 13.51
CA GLU A 276 7.26 4.28 14.30
C GLU A 276 7.02 4.67 15.73
N TRP A 277 5.97 4.10 16.32
CA TRP A 277 5.64 4.12 17.75
C TRP A 277 6.88 3.85 18.58
N THR A 278 7.04 4.63 19.65
CA THR A 278 8.16 4.49 20.57
C THR A 278 7.78 3.90 21.94
N GLY A 279 6.49 3.56 22.15
CA GLY A 279 5.99 3.09 23.43
C GLY A 279 6.17 1.60 23.59
N ALA A 280 5.39 1.05 24.49
CA ALA A 280 5.48 -0.36 24.80
C ALA A 280 5.29 -1.18 23.56
N TRP A 281 6.14 -2.19 23.41
CA TRP A 281 6.15 -3.16 22.32
C TRP A 281 6.74 -2.67 21.04
N SER A 282 7.31 -1.46 21.07
CA SER A 282 8.06 -0.93 19.95
C SER A 282 9.34 -1.74 19.77
N ASP A 283 9.99 -1.53 18.65
CA ASP A 283 11.06 -2.44 18.23
C ASP A 283 12.13 -2.63 19.30
N SER A 284 12.58 -1.55 19.92
CA SER A 284 13.63 -1.64 20.92
C SER A 284 13.12 -1.54 22.36
N SER A 285 11.82 -1.70 22.58
CA SER A 285 11.25 -1.58 23.92
C SER A 285 11.64 -2.73 24.83
N SER A 286 11.55 -2.46 26.12
CA SER A 286 11.98 -3.48 27.07
C SER A 286 10.94 -4.57 27.30
N GLU A 287 9.70 -4.39 26.85
CA GLU A 287 8.69 -5.42 27.04
C GLU A 287 9.17 -6.75 26.47
N TRP A 288 9.90 -6.67 25.34
CA TRP A 288 10.35 -7.88 24.68
C TRP A 288 11.28 -8.70 25.54
N ASN A 289 11.92 -8.09 26.54
CA ASN A 289 12.78 -8.89 27.40
C ASN A 289 12.01 -9.86 28.28
N ASN A 290 10.70 -9.66 28.48
CA ASN A 290 9.93 -10.56 29.33
C ASN A 290 8.89 -11.34 28.54
N VAL A 291 9.16 -11.56 27.26
CA VAL A 291 8.40 -12.57 26.55
C VAL A 291 9.33 -13.74 26.24
N ASP A 292 8.68 -14.85 25.98
CA ASP A 292 9.29 -16.10 25.56
C ASP A 292 10.31 -15.87 24.43
N PRO A 293 11.49 -16.51 24.45
CA PRO A 293 12.50 -16.23 23.40
C PRO A 293 12.04 -16.60 22.00
N TYR A 294 11.22 -17.65 21.89
CA TYR A 294 10.67 -17.99 20.59
C TYR A 294 9.66 -16.94 20.13
N GLU A 295 8.75 -16.51 21.00
CA GLU A 295 7.81 -15.45 20.59
C GLU A 295 8.57 -14.16 20.23
N ARG A 296 9.61 -13.84 20.98
CA ARG A 296 10.40 -12.65 20.68
C ARG A 296 11.02 -12.79 19.30
N ASP A 297 11.55 -13.98 19.00
CA ASP A 297 12.16 -14.17 17.69
C ASP A 297 11.14 -14.15 16.56
N GLN A 298 9.95 -14.70 16.81
CA GLN A 298 8.90 -14.79 15.79
C GLN A 298 8.31 -13.42 15.48
N LEU A 299 8.13 -12.58 16.51
CA LEU A 299 7.33 -11.37 16.35
C LEU A 299 8.17 -10.11 16.20
N ARG A 300 9.27 -9.98 16.94
CA ARG A 300 9.98 -8.72 17.01
C ARG A 300 11.05 -8.65 15.95
N VAL A 301 11.03 -7.56 15.17
CA VAL A 301 12.02 -7.29 14.13
C VAL A 301 12.57 -5.91 14.43
N LYS A 302 13.84 -5.81 14.72
CA LYS A 302 14.42 -4.51 14.99
C LYS A 302 14.82 -3.89 13.68
N MET A 303 13.91 -3.12 13.08
CA MET A 303 14.18 -2.50 11.80
C MET A 303 13.26 -1.31 11.55
N GLU A 304 13.85 -0.20 11.12
CA GLU A 304 13.11 0.99 10.83
C GLU A 304 12.53 0.70 9.45
N ASP A 305 11.33 0.21 9.47
CA ASP A 305 10.59 -0.22 8.30
C ASP A 305 9.15 0.26 8.33
N GLY A 306 8.78 1.07 9.32
CA GLY A 306 7.42 1.52 9.42
C GLY A 306 6.50 0.60 10.18
N GLU A 307 6.93 -0.64 10.48
CA GLU A 307 6.08 -1.65 11.11
C GLU A 307 6.49 -1.86 12.57
N PHE A 308 5.48 -1.99 13.42
CA PHE A 308 5.72 -2.12 14.86
C PHE A 308 4.49 -2.73 15.52
N TRP A 309 4.71 -3.15 16.74
CA TRP A 309 3.67 -3.68 17.59
C TRP A 309 3.29 -2.67 18.66
N MET A 310 2.07 -2.79 19.11
CA MET A 310 1.49 -2.08 20.25
C MET A 310 0.67 -3.09 21.04
N SER A 311 0.53 -2.86 22.34
CA SER A 311 -0.51 -3.60 23.04
C SER A 311 -1.90 -3.16 22.55
N PHE A 312 -2.86 -4.10 22.60
CA PHE A 312 -4.22 -3.72 22.19
C PHE A 312 -4.74 -2.59 23.07
N ARG A 313 -4.35 -2.58 24.35
CA ARG A 313 -4.75 -1.50 25.24
C ARG A 313 -4.22 -0.15 24.73
N ASP A 314 -2.95 -0.10 24.35
CA ASP A 314 -2.41 1.17 23.84
C ASP A 314 -3.01 1.53 22.51
N PHE A 315 -3.19 0.55 21.62
CA PHE A 315 -3.86 0.79 20.35
C PHE A 315 -5.21 1.47 20.56
N MET A 316 -5.99 0.96 21.51
CA MET A 316 -7.30 1.53 21.72
C MET A 316 -7.21 2.91 22.36
N ARG A 317 -6.10 3.18 23.03
CA ARG A 317 -5.92 4.50 23.63
C ARG A 317 -5.45 5.55 22.63
N GLU A 318 -4.67 5.15 21.64
CA GLU A 318 -3.98 6.07 20.71
C GLU A 318 -4.70 6.19 19.38
N PHE A 319 -5.22 5.10 18.85
CA PHE A 319 -5.93 5.20 17.57
C PHE A 319 -7.41 5.47 17.80
N THR A 320 -8.07 5.98 16.74
CA THR A 320 -9.46 6.39 16.82
CA THR A 320 -9.47 6.30 16.91
C THR A 320 -10.40 5.54 16.00
N ARG A 321 -9.92 5.07 14.85
CA ARG A 321 -10.81 4.28 14.02
C ARG A 321 -10.10 3.12 13.36
N LEU A 322 -10.90 2.10 13.09
CA LEU A 322 -10.39 0.91 12.46
C LEU A 322 -11.35 0.58 11.33
N GLU A 323 -10.83 0.11 10.21
CA GLU A 323 -11.70 -0.36 9.14
C GLU A 323 -11.32 -1.78 8.79
N ILE A 324 -12.33 -2.58 8.46
CA ILE A 324 -12.12 -3.97 8.08
C ILE A 324 -12.89 -4.21 6.79
N CYS A 325 -12.16 -4.52 5.71
CA CYS A 325 -12.78 -4.81 4.43
C CYS A 325 -12.81 -6.33 4.28
N ASN A 326 -14.03 -6.89 4.35
CA ASN A 326 -14.23 -8.34 4.27
C ASN A 326 -14.68 -8.68 2.86
N LEU A 327 -14.18 -9.77 2.36
CA LEU A 327 -14.56 -10.20 1.05
C LEU A 327 -16.00 -10.74 1.00
N THR A 328 -16.41 -11.52 1.98
CA THR A 328 -17.78 -12.05 2.02
C THR A 328 -18.31 -11.98 3.46
N PRO A 329 -18.60 -10.79 3.96
CA PRO A 329 -18.97 -10.64 5.37
C PRO A 329 -20.22 -11.37 5.85
N ASP A 330 -21.09 -11.79 4.95
CA ASP A 330 -22.32 -12.48 5.36
C ASP A 330 -22.25 -14.00 5.12
N ALA A 331 -21.08 -14.42 4.70
CA ALA A 331 -20.85 -15.82 4.45
C ALA A 331 -19.45 -16.16 4.91
N LEU A 332 -19.23 -16.24 6.21
CA LEU A 332 -17.90 -16.55 6.73
C LEU A 332 -17.58 -18.02 7.01
N LYS A 333 -16.40 -18.25 7.58
CA LYS A 333 -15.93 -19.56 7.98
C LYS A 333 -15.38 -19.39 9.39
#